data_9CDW
#
_entry.id   9CDW
#
_cell.length_a   107.809
_cell.length_b   107.809
_cell.length_c   64.612
_cell.angle_alpha   90.00
_cell.angle_beta   90.00
_cell.angle_gamma   120.00
#
_symmetry.space_group_name_H-M   'P 65'
#
loop_
_entity.id
_entity.type
_entity.pdbx_description
1 polymer 'Chromobox protein homolog 5'
2 polymer 'Transcription intermediary factor 1-beta peptide'
3 non-polymer 'TRIETHYLENE GLYCOL'
4 water water
#
loop_
_entity_poly.entity_id
_entity_poly.type
_entity_poly.pdbx_seq_one_letter_code
_entity_poly.pdbx_strand_id
1 'polypeptide(L)' NDIARGFERGLEPEKIIGATDSCGDLMFLMKWKDTDEADLVLAKEANVKCPQIVIAFYEERLTW A,B,C,D
2 'polypeptide(L)' VPRVSL E,F
#
# COMPACT_ATOMS: atom_id res chain seq x y z
N ASN A 1 -8.43 -4.08 -10.30
CA ASN A 1 -7.67 -3.72 -11.52
C ASN A 1 -6.16 -3.93 -11.32
N ASP A 2 -5.46 -3.88 -12.45
CA ASP A 2 -4.01 -3.88 -12.48
C ASP A 2 -3.49 -2.50 -12.02
N ILE A 3 -4.34 -1.47 -12.09
CA ILE A 3 -3.95 -0.07 -12.06
C ILE A 3 -4.41 0.62 -10.77
N ALA A 4 -5.69 0.48 -10.38
CA ALA A 4 -6.21 1.19 -9.20
C ALA A 4 -6.00 0.38 -7.93
N ARG A 5 -5.14 0.88 -7.04
CA ARG A 5 -4.72 0.19 -5.84
C ARG A 5 -4.58 1.18 -4.71
N GLY A 6 -5.21 2.35 -4.80
CA GLY A 6 -5.06 3.42 -3.83
C GLY A 6 -5.48 3.02 -2.43
N PHE A 7 -6.58 2.26 -2.34
CA PHE A 7 -7.07 1.79 -1.03
C PHE A 7 -6.11 0.84 -0.35
N GLU A 8 -5.26 0.13 -1.11
CA GLU A 8 -4.18 -0.68 -0.50
C GLU A 8 -3.17 0.15 0.26
N ARG A 9 -3.13 1.45 0.05
CA ARG A 9 -2.23 2.29 0.85
C ARG A 9 -2.72 2.39 2.30
N GLY A 10 -3.99 2.06 2.61
CA GLY A 10 -4.42 2.15 4.01
C GLY A 10 -4.53 3.60 4.54
N LEU A 11 -4.72 4.60 3.65
CA LEU A 11 -4.99 5.97 4.13
C LEU A 11 -6.49 6.28 4.07
N GLU A 12 -6.90 7.27 4.86
CA GLU A 12 -8.30 7.71 4.95
C GLU A 12 -8.63 8.55 3.70
N PRO A 13 -9.68 8.16 2.94
CA PRO A 13 -10.11 8.92 1.77
C PRO A 13 -10.71 10.24 2.22
N GLU A 14 -10.55 11.26 1.38
CA GLU A 14 -11.00 12.57 1.77
C GLU A 14 -11.87 13.16 0.67
N LYS A 15 -11.44 13.09 -0.58
CA LYS A 15 -12.13 13.78 -1.64
C LYS A 15 -11.71 13.18 -2.97
N ILE A 16 -12.68 12.91 -3.84
CA ILE A 16 -12.38 12.53 -5.20
C ILE A 16 -12.04 13.79 -5.99
N ILE A 17 -10.94 13.77 -6.76
CA ILE A 17 -10.51 14.93 -7.54
C ILE A 17 -10.52 14.63 -9.04
N GLY A 18 -10.99 13.47 -9.46
CA GLY A 18 -11.18 13.19 -10.88
C GLY A 18 -11.71 11.78 -11.08
N ALA A 19 -12.10 11.49 -12.32
CA ALA A 19 -12.64 10.17 -12.62
C ALA A 19 -12.29 9.80 -14.05
N THR A 20 -12.17 8.50 -14.35
CA THR A 20 -11.95 8.07 -15.72
C THR A 20 -12.57 6.70 -15.92
N ASP A 21 -13.06 6.46 -17.14
CA ASP A 21 -13.53 5.15 -17.55
C ASP A 21 -12.63 4.63 -18.66
N SER A 22 -11.44 5.23 -18.81
CA SER A 22 -10.61 5.00 -19.97
C SER A 22 -9.90 3.65 -19.85
N CYS A 23 -10.02 2.95 -18.72
CA CYS A 23 -9.52 1.59 -18.60
C CYS A 23 -10.69 0.63 -18.38
N GLY A 24 -11.80 0.88 -19.07
CA GLY A 24 -13.00 0.08 -18.89
C GLY A 24 -13.75 0.44 -17.61
N ASP A 25 -13.39 -0.20 -16.49
CA ASP A 25 -14.00 0.05 -15.20
C ASP A 25 -13.73 1.46 -14.66
N LEU A 26 -14.80 2.08 -14.19
CA LEU A 26 -14.77 3.44 -13.70
C LEU A 26 -13.75 3.52 -12.55
N MET A 27 -12.86 4.49 -12.64
CA MET A 27 -11.98 4.78 -11.51
C MET A 27 -12.17 6.22 -11.04
N PHE A 28 -11.80 6.43 -9.77
CA PHE A 28 -11.64 7.75 -9.22
C PHE A 28 -10.20 7.99 -8.81
N LEU A 29 -9.79 9.25 -8.94
CA LEU A 29 -8.54 9.68 -8.35
C LEU A 29 -8.91 10.21 -6.99
N MET A 30 -8.45 9.52 -5.94
CA MET A 30 -8.82 9.82 -4.57
C MET A 30 -7.67 10.54 -3.88
N LYS A 31 -7.93 11.73 -3.35
CA LYS A 31 -7.04 12.41 -2.43
C LYS A 31 -7.28 11.90 -1.01
N TRP A 32 -6.21 11.61 -0.28
CA TRP A 32 -6.29 11.17 1.09
C TRP A 32 -6.14 12.34 2.08
N LYS A 33 -6.56 12.05 3.30
CA LYS A 33 -6.64 13.02 4.38
C LYS A 33 -5.25 13.53 4.73
N ASP A 34 -5.11 14.85 4.83
CA ASP A 34 -3.94 15.48 5.41
C ASP A 34 -2.65 15.14 4.65
N THR A 35 -2.79 14.94 3.34
CA THR A 35 -1.64 14.81 2.47
C THR A 35 -2.08 15.42 1.16
N ASP A 36 -1.11 15.73 0.29
CA ASP A 36 -1.43 16.19 -1.05
C ASP A 36 -1.46 14.98 -2.00
N GLU A 37 -1.28 13.77 -1.48
CA GLU A 37 -1.19 12.58 -2.31
C GLU A 37 -2.55 12.14 -2.78
N ALA A 38 -2.60 11.65 -4.03
CA ALA A 38 -3.79 10.97 -4.47
C ALA A 38 -3.42 9.74 -5.32
N ASP A 39 -4.37 8.80 -5.37
CA ASP A 39 -4.21 7.59 -6.13
C ASP A 39 -5.55 7.13 -6.70
N LEU A 40 -5.45 6.40 -7.82
CA LEU A 40 -6.60 5.83 -8.48
C LEU A 40 -7.13 4.70 -7.60
N VAL A 41 -8.48 4.67 -7.43
CA VAL A 41 -9.20 3.59 -6.76
C VAL A 41 -10.35 3.16 -7.67
N LEU A 42 -10.81 1.92 -7.56
CA LEU A 42 -11.97 1.51 -8.36
C LEU A 42 -13.22 2.18 -7.79
N ALA A 43 -14.12 2.66 -8.66
CA ALA A 43 -15.36 3.29 -8.21
C ALA A 43 -16.22 2.31 -7.42
N LYS A 44 -16.29 1.06 -7.91
CA LYS A 44 -17.09 0.02 -7.26
C LYS A 44 -16.69 -0.12 -5.79
N GLU A 45 -15.42 0.11 -5.49
CA GLU A 45 -14.89 -0.13 -4.17
C GLU A 45 -15.09 1.14 -3.32
N ALA A 46 -14.97 2.31 -3.92
CA ALA A 46 -15.23 3.56 -3.21
C ALA A 46 -16.70 3.69 -2.84
N ASN A 47 -17.60 3.25 -3.76
CA ASN A 47 -19.04 3.21 -3.52
C ASN A 47 -19.34 2.57 -2.16
N VAL A 48 -18.64 1.45 -1.89
CA VAL A 48 -18.79 0.71 -0.65
C VAL A 48 -18.05 1.37 0.50
N LYS A 49 -16.81 1.84 0.29
CA LYS A 49 -15.99 2.25 1.42
C LYS A 49 -16.22 3.71 1.81
N CYS A 50 -16.58 4.57 0.87
CA CYS A 50 -16.71 5.99 1.21
C CYS A 50 -17.86 6.56 0.39
N PRO A 51 -19.10 6.05 0.59
CA PRO A 51 -20.25 6.41 -0.26
C PRO A 51 -20.58 7.89 -0.24
N GLN A 52 -20.43 8.56 0.93
CA GLN A 52 -20.69 9.99 1.02
C GLN A 52 -19.69 10.80 0.19
N ILE A 53 -18.43 10.36 0.13
CA ILE A 53 -17.42 11.04 -0.67
C ILE A 53 -17.74 10.84 -2.15
N VAL A 54 -18.18 9.64 -2.54
CA VAL A 54 -18.58 9.38 -3.92
C VAL A 54 -19.74 10.30 -4.30
N ILE A 55 -20.76 10.38 -3.43
CA ILE A 55 -21.97 11.14 -3.73
C ILE A 55 -21.64 12.63 -3.81
N ALA A 56 -20.85 13.12 -2.84
CA ALA A 56 -20.50 14.52 -2.82
C ALA A 56 -19.84 14.91 -4.13
N PHE A 57 -19.07 13.97 -4.72
CA PHE A 57 -18.44 14.23 -6.00
C PHE A 57 -19.48 14.28 -7.12
N TYR A 58 -20.43 13.35 -7.14
CA TYR A 58 -21.43 13.35 -8.20
C TYR A 58 -22.29 14.61 -8.10
N GLU A 59 -22.64 14.99 -6.86
CA GLU A 59 -23.47 16.15 -6.58
C GLU A 59 -22.80 17.44 -7.03
N GLU A 60 -21.50 17.63 -6.77
CA GLU A 60 -20.80 18.83 -7.17
C GLU A 60 -20.88 19.11 -8.67
N ARG A 61 -21.24 18.12 -9.53
CA ARG A 61 -21.18 18.32 -10.97
C ARG A 61 -22.44 17.87 -11.69
N LEU A 62 -23.58 18.05 -11.06
CA LEU A 62 -24.85 17.85 -11.74
C LEU A 62 -25.07 18.96 -12.78
N THR A 63 -25.43 18.55 -14.02
CA THR A 63 -25.90 19.46 -15.06
C THR A 63 -27.29 19.03 -15.52
N TRP A 64 -28.06 20.01 -16.04
CA TRP A 64 -29.37 19.75 -16.60
C TRP A 64 -29.37 19.97 -18.12
N ASN B 1 5.56 -17.45 4.01
CA ASN B 1 4.50 -16.40 4.16
C ASN B 1 5.02 -14.99 3.90
N ASP B 2 4.27 -14.25 3.07
CA ASP B 2 4.63 -12.92 2.66
C ASP B 2 3.99 -11.95 3.67
N ILE B 3 4.80 -11.46 4.61
CA ILE B 3 4.29 -10.73 5.75
C ILE B 3 4.67 -9.25 5.69
N ALA B 4 5.95 -8.92 5.43
CA ALA B 4 6.43 -7.56 5.59
C ALA B 4 6.29 -6.78 4.29
N ARG B 5 5.35 -5.83 4.25
CA ARG B 5 5.02 -5.09 3.06
C ARG B 5 4.90 -3.61 3.38
N GLY B 6 5.43 -3.16 4.52
CA GLY B 6 5.37 -1.78 4.96
C GLY B 6 5.74 -0.79 3.86
N PHE B 7 6.84 -1.04 3.15
CA PHE B 7 7.34 -0.12 2.12
C PHE B 7 6.35 0.10 0.98
N GLU B 8 5.52 -0.91 0.68
CA GLU B 8 4.50 -0.75 -0.35
C GLU B 8 3.46 0.31 0.02
N ARG B 9 3.38 0.79 1.25
CA ARG B 9 2.44 1.87 1.54
C ARG B 9 2.92 3.18 0.93
N GLY B 10 4.19 3.29 0.53
CA GLY B 10 4.67 4.48 -0.16
C GLY B 10 4.75 5.68 0.80
N LEU B 11 4.84 5.41 2.11
CA LEU B 11 5.19 6.38 3.11
C LEU B 11 6.70 6.38 3.41
N GLU B 12 7.11 7.48 4.04
CA GLU B 12 8.48 7.78 4.32
C GLU B 12 8.82 7.20 5.68
N PRO B 13 9.89 6.38 5.80
CA PRO B 13 10.27 5.77 7.06
C PRO B 13 10.82 6.85 7.97
N GLU B 14 10.58 6.75 9.27
CA GLU B 14 11.18 7.70 10.17
C GLU B 14 11.99 6.96 11.25
N LYS B 15 11.48 5.84 11.77
CA LYS B 15 12.14 5.27 12.92
C LYS B 15 11.71 3.83 13.06
N ILE B 16 12.68 2.97 13.30
CA ILE B 16 12.42 1.60 13.62
C ILE B 16 12.09 1.56 15.10
N ILE B 17 10.98 0.91 15.46
CA ILE B 17 10.56 0.79 16.84
C ILE B 17 10.60 -0.65 17.32
N GLY B 18 11.06 -1.59 16.49
CA GLY B 18 11.14 -2.97 16.96
C GLY B 18 11.69 -3.87 15.88
N ALA B 19 11.99 -5.09 16.30
CA ALA B 19 12.58 -6.04 15.35
C ALA B 19 12.18 -7.46 15.74
N THR B 20 12.17 -8.38 14.76
CA THR B 20 11.94 -9.78 15.07
C THR B 20 12.58 -10.64 13.99
N ASP B 21 13.02 -11.85 14.36
CA ASP B 21 13.47 -12.84 13.39
C ASP B 21 12.53 -14.03 13.39
N SER B 22 11.37 -13.88 14.03
CA SER B 22 10.56 -15.02 14.41
C SER B 22 9.70 -15.51 13.24
N CYS B 23 9.77 -14.86 12.06
CA CYS B 23 9.10 -15.39 10.88
C CYS B 23 10.12 -15.87 9.85
N GLY B 24 11.34 -16.20 10.30
CA GLY B 24 12.42 -16.47 9.36
C GLY B 24 13.36 -15.28 9.27
N ASP B 25 13.16 -14.43 8.27
CA ASP B 25 14.07 -13.35 7.96
C ASP B 25 13.85 -12.18 8.93
N LEU B 26 14.94 -11.49 9.21
CA LEU B 26 14.93 -10.37 10.11
C LEU B 26 13.95 -9.31 9.59
N MET B 27 13.09 -8.83 10.50
CA MET B 27 12.15 -7.79 10.17
C MET B 27 12.23 -6.65 11.17
N PHE B 28 11.94 -5.46 10.69
CA PHE B 28 11.69 -4.32 11.55
C PHE B 28 10.26 -3.83 11.47
N LEU B 29 9.78 -3.39 12.62
CA LEU B 29 8.57 -2.57 12.70
C LEU B 29 8.98 -1.13 12.47
N MET B 30 8.54 -0.60 11.31
CA MET B 30 8.90 0.73 10.88
C MET B 30 7.73 1.68 11.15
N LYS B 31 7.95 2.70 11.97
CA LYS B 31 7.08 3.86 12.09
C LYS B 31 7.35 4.82 10.92
N TRP B 32 6.27 5.31 10.30
CA TRP B 32 6.38 6.25 9.19
C TRP B 32 6.31 7.72 9.64
N LYS B 33 6.68 8.61 8.72
CA LYS B 33 6.84 10.02 9.00
C LYS B 33 5.48 10.63 9.37
N ASP B 34 5.47 11.37 10.49
CA ASP B 34 4.36 12.22 10.86
C ASP B 34 3.07 11.42 11.09
N THR B 35 3.20 10.15 11.48
CA THR B 35 2.02 9.35 11.74
C THR B 35 2.36 8.42 12.89
N ASP B 36 1.32 7.97 13.60
CA ASP B 36 1.46 6.94 14.63
C ASP B 36 1.49 5.54 14.00
N GLU B 37 1.29 5.42 12.69
CA GLU B 37 1.26 4.12 12.03
C GLU B 37 2.64 3.49 11.87
N ALA B 38 2.66 2.18 12.07
CA ALA B 38 3.84 1.38 11.80
C ALA B 38 3.49 0.05 11.14
N ASP B 39 4.47 -0.50 10.40
CA ASP B 39 4.33 -1.75 9.68
C ASP B 39 5.67 -2.50 9.54
N LEU B 40 5.56 -3.82 9.42
CA LEU B 40 6.71 -4.69 9.28
C LEU B 40 7.35 -4.47 7.93
N VAL B 41 8.70 -4.33 7.92
CA VAL B 41 9.48 -4.31 6.67
C VAL B 41 10.61 -5.34 6.79
N LEU B 42 11.07 -5.86 5.68
CA LEU B 42 12.22 -6.76 5.76
C LEU B 42 13.47 -5.92 6.04
N ALA B 43 14.34 -6.40 6.94
CA ALA B 43 15.59 -5.71 7.27
C ALA B 43 16.47 -5.48 6.05
N LYS B 44 16.62 -6.52 5.22
CA LYS B 44 17.47 -6.46 4.03
C LYS B 44 17.06 -5.29 3.13
N GLU B 45 15.76 -4.96 3.12
CA GLU B 45 15.25 -3.92 2.25
C GLU B 45 15.42 -2.56 2.96
N ALA B 46 15.26 -2.51 4.27
CA ALA B 46 15.48 -1.25 5.00
C ALA B 46 16.96 -0.86 4.96
N ASN B 47 17.85 -1.86 5.05
CA ASN B 47 19.29 -1.67 4.93
C ASN B 47 19.62 -0.84 3.69
N VAL B 48 18.91 -1.07 2.59
CA VAL B 48 19.17 -0.42 1.33
C VAL B 48 18.39 0.89 1.25
N LYS B 49 17.09 0.89 1.61
CA LYS B 49 16.25 2.07 1.43
C LYS B 49 16.55 3.16 2.45
N CYS B 50 16.91 2.80 3.68
CA CYS B 50 17.01 3.79 4.74
C CYS B 50 18.11 3.41 5.75
N PRO B 51 19.38 3.27 5.30
CA PRO B 51 20.45 2.76 6.15
C PRO B 51 20.72 3.60 7.42
N GLN B 52 20.56 4.93 7.38
CA GLN B 52 20.78 5.72 8.61
C GLN B 52 19.74 5.44 9.68
N ILE B 53 18.50 5.14 9.26
CA ILE B 53 17.45 4.77 10.20
C ILE B 53 17.77 3.39 10.79
N VAL B 54 18.27 2.45 9.97
CA VAL B 54 18.66 1.14 10.47
C VAL B 54 19.78 1.28 11.50
N ILE B 55 20.79 2.09 11.16
CA ILE B 55 21.95 2.27 12.02
C ILE B 55 21.54 2.94 13.33
N ALA B 56 20.70 3.99 13.25
CA ALA B 56 20.30 4.70 14.46
C ALA B 56 19.65 3.72 15.42
N PHE B 57 18.86 2.79 14.84
CA PHE B 57 18.21 1.78 15.68
C PHE B 57 19.26 0.89 16.35
N TYR B 58 20.22 0.38 15.57
CA TYR B 58 21.21 -0.51 16.15
C TYR B 58 22.05 0.24 17.19
N GLU B 59 22.34 1.53 16.95
CA GLU B 59 23.10 2.37 17.88
C GLU B 59 22.42 2.47 19.24
N GLU B 60 21.11 2.70 19.31
CA GLU B 60 20.44 2.89 20.59
C GLU B 60 20.52 1.66 21.48
N ARG B 61 20.83 0.47 20.91
CA ARG B 61 20.65 -0.79 21.61
C ARG B 61 21.98 -1.51 21.82
N LEU B 62 23.11 -0.82 21.61
CA LEU B 62 24.40 -1.43 21.86
C LEU B 62 24.59 -1.54 23.38
N THR B 63 24.79 -2.78 23.86
CA THR B 63 25.13 -3.08 25.24
C THR B 63 26.45 -3.88 25.23
N TRP B 64 27.18 -3.85 26.35
CA TRP B 64 28.55 -4.33 26.38
C TRP B 64 28.72 -5.57 27.29
N ASN C 1 -1.40 18.24 -6.50
CA ASN C 1 -1.52 16.85 -5.99
C ASN C 1 -0.36 15.98 -6.46
N ASP C 2 0.23 15.24 -5.52
CA ASP C 2 1.29 14.30 -5.81
C ASP C 2 0.65 12.98 -6.28
N ILE C 3 0.59 12.75 -7.58
CA ILE C 3 -0.17 11.66 -8.15
C ILE C 3 0.73 10.54 -8.69
N ALA C 4 1.72 10.89 -9.50
CA ALA C 4 2.49 9.88 -10.24
C ALA C 4 3.76 9.56 -9.48
N ARG C 5 3.80 8.37 -8.87
CA ARG C 5 4.90 7.94 -8.04
C ARG C 5 5.18 6.47 -8.37
N GLY C 6 4.74 5.99 -9.54
CA GLY C 6 4.99 4.66 -10.06
C GLY C 6 6.42 4.16 -9.87
N PHE C 7 7.41 5.01 -10.12
CA PHE C 7 8.81 4.60 -10.04
C PHE C 7 9.22 4.24 -8.61
N GLU C 8 8.53 4.80 -7.59
CA GLU C 8 8.88 4.55 -6.20
C GLU C 8 8.69 3.08 -5.83
N ARG C 9 7.88 2.35 -6.61
CA ARG C 9 7.66 0.93 -6.40
C ARG C 9 8.92 0.11 -6.67
N GLY C 10 9.98 0.75 -7.18
CA GLY C 10 11.24 0.09 -7.46
C GLY C 10 11.14 -1.05 -8.49
N LEU C 11 10.08 -1.05 -9.33
CA LEU C 11 9.92 -2.06 -10.36
C LEU C 11 10.50 -1.59 -11.72
N GLU C 12 10.73 -2.56 -12.60
CA GLU C 12 11.43 -2.32 -13.86
C GLU C 12 10.41 -1.94 -14.93
N PRO C 13 10.57 -0.79 -15.61
CA PRO C 13 9.62 -0.37 -16.65
C PRO C 13 9.71 -1.30 -17.84
N GLU C 14 8.57 -1.54 -18.48
CA GLU C 14 8.55 -2.39 -19.65
C GLU C 14 7.97 -1.61 -20.82
N LYS C 15 6.78 -1.03 -20.65
CA LYS C 15 6.06 -0.47 -21.77
C LYS C 15 5.11 0.61 -21.24
N ILE C 16 5.05 1.77 -21.90
CA ILE C 16 4.05 2.75 -21.59
C ILE C 16 2.77 2.31 -22.31
N ILE C 17 1.64 2.26 -21.60
CA ILE C 17 0.39 1.79 -22.19
C ILE C 17 -0.64 2.92 -22.27
N GLY C 18 -0.27 4.15 -21.88
CA GLY C 18 -1.17 5.27 -22.03
C GLY C 18 -0.56 6.53 -21.43
N ALA C 19 -1.25 7.65 -21.66
CA ALA C 19 -0.69 8.92 -21.27
C ALA C 19 -1.81 9.92 -21.06
N THR C 20 -1.57 10.91 -20.20
CA THR C 20 -2.55 11.96 -19.96
C THR C 20 -1.84 13.24 -19.55
N ASP C 21 -2.45 14.39 -19.90
CA ASP C 21 -1.99 15.67 -19.38
C ASP C 21 -3.04 16.24 -18.44
N SER C 22 -4.03 15.42 -18.08
CA SER C 22 -5.25 15.92 -17.46
C SER C 22 -5.04 16.34 -16.01
N CYS C 23 -3.90 16.01 -15.37
CA CYS C 23 -3.66 16.49 -14.02
C CYS C 23 -2.52 17.53 -13.99
N GLY C 24 -2.28 18.21 -15.12
CA GLY C 24 -1.21 19.19 -15.16
C GLY C 24 -0.05 18.67 -16.02
N ASP C 25 0.93 18.04 -15.38
CA ASP C 25 2.13 17.60 -16.09
C ASP C 25 1.81 16.31 -16.83
N LEU C 26 2.45 16.14 -17.99
CA LEU C 26 2.28 14.94 -18.79
C LEU C 26 2.67 13.73 -17.95
N MET C 27 1.79 12.74 -17.93
CA MET C 27 2.06 11.51 -17.22
C MET C 27 1.88 10.35 -18.19
N PHE C 28 2.60 9.29 -17.88
CA PHE C 28 2.43 8.01 -18.54
C PHE C 28 1.98 6.95 -17.54
N LEU C 29 1.13 6.07 -18.04
CA LEU C 29 0.78 4.86 -17.31
C LEU C 29 1.78 3.81 -17.78
N MET C 30 2.62 3.38 -16.85
CA MET C 30 3.73 2.48 -17.13
C MET C 30 3.37 1.07 -16.64
N LYS C 31 3.38 0.11 -17.56
CA LYS C 31 3.37 -1.32 -17.24
C LYS C 31 4.77 -1.77 -16.85
N TRP C 32 4.85 -2.54 -15.76
CA TRP C 32 6.14 -3.02 -15.29
C TRP C 32 6.42 -4.44 -15.77
N LYS C 33 7.71 -4.76 -15.77
CA LYS C 33 8.20 -6.06 -16.21
C LYS C 33 7.76 -7.09 -15.17
N ASP C 34 7.32 -8.25 -15.67
CA ASP C 34 7.08 -9.42 -14.86
C ASP C 34 5.86 -9.20 -13.95
N THR C 35 4.93 -8.33 -14.34
CA THR C 35 3.71 -8.16 -13.54
C THR C 35 2.59 -7.81 -14.50
N ASP C 36 1.33 -7.89 -14.05
CA ASP C 36 0.22 -7.36 -14.83
C ASP C 36 0.00 -5.87 -14.49
N GLU C 37 0.68 -5.36 -13.47
CA GLU C 37 0.35 -4.09 -12.86
C GLU C 37 0.84 -2.89 -13.69
N ALA C 38 0.38 -1.71 -13.28
CA ALA C 38 0.81 -0.48 -13.92
C ALA C 38 0.46 0.72 -13.07
N ASP C 39 1.24 1.80 -13.27
CA ASP C 39 1.13 3.00 -12.47
C ASP C 39 1.60 4.23 -13.24
N LEU C 40 1.00 5.36 -12.85
CA LEU C 40 1.34 6.66 -13.39
C LEU C 40 2.74 6.99 -12.94
N VAL C 41 3.54 7.49 -13.90
CA VAL C 41 4.85 8.12 -13.67
C VAL C 41 4.85 9.46 -14.42
N LEU C 42 5.62 10.42 -13.96
CA LEU C 42 5.72 11.68 -14.67
C LEU C 42 6.56 11.46 -15.95
N ALA C 43 6.17 12.10 -17.05
CA ALA C 43 6.89 11.98 -18.31
C ALA C 43 8.34 12.48 -18.22
N LYS C 44 8.55 13.60 -17.54
CA LYS C 44 9.88 14.21 -17.43
C LYS C 44 10.84 13.23 -16.76
N GLU C 45 10.32 12.38 -15.89
CA GLU C 45 11.14 11.43 -15.16
C GLU C 45 11.36 10.17 -16.02
N ALA C 46 10.33 9.76 -16.78
CA ALA C 46 10.51 8.62 -17.67
C ALA C 46 11.51 8.92 -18.79
N ASN C 47 11.47 10.16 -19.30
CA ASN C 47 12.42 10.65 -20.30
C ASN C 47 13.85 10.33 -19.89
N VAL C 48 14.16 10.52 -18.61
CA VAL C 48 15.51 10.31 -18.10
C VAL C 48 15.73 8.83 -17.79
N LYS C 49 14.77 8.15 -17.17
CA LYS C 49 15.03 6.82 -16.63
C LYS C 49 14.87 5.73 -17.66
N CYS C 50 13.95 5.88 -18.60
CA CYS C 50 13.68 4.82 -19.55
C CYS C 50 13.44 5.44 -20.93
N PRO C 51 14.41 6.19 -21.51
CA PRO C 51 14.16 6.96 -22.74
C PRO C 51 13.75 6.11 -23.94
N GLN C 52 14.30 4.88 -24.10
CA GLN C 52 13.89 4.03 -25.22
C GLN C 52 12.44 3.58 -25.12
N ILE C 53 11.95 3.38 -23.89
CA ILE C 53 10.56 3.02 -23.68
C ILE C 53 9.68 4.22 -24.00
N VAL C 54 10.12 5.42 -23.66
CA VAL C 54 9.37 6.64 -24.00
C VAL C 54 9.28 6.75 -25.53
N ILE C 55 10.42 6.58 -26.19
CA ILE C 55 10.51 6.72 -27.65
C ILE C 55 9.64 5.66 -28.34
N ALA C 56 9.73 4.41 -27.87
CA ALA C 56 8.94 3.33 -28.45
C ALA C 56 7.46 3.69 -28.39
N PHE C 57 7.04 4.29 -27.28
CA PHE C 57 5.64 4.69 -27.14
C PHE C 57 5.28 5.74 -28.18
N TYR C 58 6.10 6.81 -28.28
CA TYR C 58 5.77 7.87 -29.21
C TYR C 58 5.80 7.33 -30.64
N GLU C 59 6.65 6.33 -30.92
CA GLU C 59 6.78 5.77 -32.26
C GLU C 59 5.50 5.10 -32.74
N GLU C 60 4.86 4.27 -31.91
CA GLU C 60 3.65 3.57 -32.37
C GLU C 60 2.42 4.50 -32.37
N ARG C 61 2.61 5.82 -32.34
CA ARG C 61 1.51 6.78 -32.32
C ARG C 61 1.68 7.84 -33.43
N LEU C 62 2.60 7.61 -34.36
CA LEU C 62 2.88 8.60 -35.39
C LEU C 62 1.76 8.66 -36.42
N THR C 63 1.25 9.88 -36.66
CA THR C 63 0.19 10.15 -37.63
C THR C 63 0.62 11.31 -38.52
N TRP C 64 0.08 11.34 -39.76
CA TRP C 64 0.50 12.30 -40.76
C TRP C 64 -0.75 13.07 -41.26
N ASN D 1 1.06 3.11 18.86
CA ASN D 1 1.21 2.93 17.38
C ASN D 1 0.09 2.05 16.85
N ASP D 2 -0.56 2.49 15.75
CA ASP D 2 -1.52 1.67 15.04
C ASP D 2 -0.75 0.73 14.09
N ILE D 3 -0.67 -0.54 14.45
CA ILE D 3 0.13 -1.53 13.75
C ILE D 3 -0.73 -2.51 12.98
N ALA D 4 -1.78 -3.09 13.61
CA ALA D 4 -2.64 -4.09 12.99
C ALA D 4 -3.71 -3.48 12.10
N ARG D 5 -3.65 -3.77 10.80
CA ARG D 5 -4.62 -3.29 9.82
C ARG D 5 -4.87 -4.40 8.79
N GLY D 6 -4.73 -5.65 9.22
CA GLY D 6 -4.87 -6.79 8.32
C GLY D 6 -6.28 -6.88 7.75
N PHE D 7 -7.27 -6.66 8.63
CA PHE D 7 -8.66 -6.83 8.21
C PHE D 7 -9.08 -5.79 7.19
N GLU D 8 -8.46 -4.59 7.23
CA GLU D 8 -8.71 -3.56 6.23
C GLU D 8 -8.37 -4.01 4.82
N ARG D 9 -7.60 -5.07 4.64
CA ARG D 9 -7.30 -5.55 3.29
C ARG D 9 -8.53 -6.17 2.63
N GLY D 10 -9.58 -6.54 3.38
CA GLY D 10 -10.77 -7.11 2.76
C GLY D 10 -10.54 -8.53 2.21
N LEU D 11 -9.61 -9.30 2.77
CA LEU D 11 -9.44 -10.70 2.40
C LEU D 11 -10.10 -11.61 3.45
N GLU D 12 -10.39 -12.84 3.02
CA GLU D 12 -11.04 -13.81 3.89
C GLU D 12 -9.97 -14.43 4.79
N PRO D 13 -10.18 -14.39 6.13
CA PRO D 13 -9.22 -14.97 7.06
C PRO D 13 -9.29 -16.49 6.92
N GLU D 14 -8.16 -17.15 7.13
CA GLU D 14 -8.09 -18.58 6.92
C GLU D 14 -7.53 -19.25 8.19
N LYS D 15 -6.44 -18.71 8.73
CA LYS D 15 -5.77 -19.41 9.80
C LYS D 15 -4.83 -18.46 10.52
N ILE D 16 -4.80 -18.51 11.86
CA ILE D 16 -3.82 -17.72 12.57
C ILE D 16 -2.50 -18.49 12.57
N ILE D 17 -1.40 -17.81 12.24
CA ILE D 17 -0.09 -18.46 12.19
C ILE D 17 0.86 -17.89 13.24
N GLY D 18 0.39 -16.97 14.09
CA GLY D 18 1.19 -16.56 15.25
C GLY D 18 0.47 -15.50 16.06
N ALA D 19 1.07 -15.10 17.16
CA ALA D 19 0.46 -14.17 18.08
C ALA D 19 1.53 -13.41 18.84
N THR D 20 1.18 -12.22 19.35
CA THR D 20 2.12 -11.44 20.13
C THR D 20 1.38 -10.41 20.96
N ASP D 21 1.91 -10.17 22.16
CA ASP D 21 1.46 -9.11 23.04
C ASP D 21 2.58 -8.09 23.18
N SER D 22 3.60 -8.19 22.33
CA SER D 22 4.75 -7.30 22.28
C SER D 22 4.39 -5.83 22.19
N CYS D 23 3.28 -5.51 21.50
CA CYS D 23 2.95 -4.12 21.23
C CYS D 23 1.73 -3.69 22.05
N GLY D 24 1.50 -4.35 23.19
CA GLY D 24 0.41 -4.03 24.08
C GLY D 24 -0.72 -5.05 23.93
N ASP D 25 -1.78 -4.61 23.24
CA ASP D 25 -2.95 -5.43 22.96
C ASP D 25 -2.60 -6.63 22.07
N LEU D 26 -3.28 -7.74 22.37
CA LEU D 26 -2.91 -9.02 21.78
C LEU D 26 -3.10 -8.88 20.28
N MET D 27 -2.09 -9.33 19.52
CA MET D 27 -2.29 -9.40 18.08
C MET D 27 -2.14 -10.84 17.62
N PHE D 28 -2.78 -11.09 16.48
CA PHE D 28 -2.51 -12.28 15.72
C PHE D 28 -1.98 -11.93 14.34
N LEU D 29 -1.13 -12.83 13.85
CA LEU D 29 -0.73 -12.81 12.46
C LEU D 29 -1.66 -13.75 11.74
N MET D 30 -2.45 -13.20 10.81
CA MET D 30 -3.53 -13.89 10.14
C MET D 30 -3.11 -14.15 8.70
N LYS D 31 -3.07 -15.43 8.32
CA LYS D 31 -2.98 -15.84 6.92
C LYS D 31 -4.36 -15.77 6.29
N TRP D 32 -4.42 -15.20 5.08
CA TRP D 32 -5.63 -15.11 4.29
C TRP D 32 -5.77 -16.28 3.29
N LYS D 33 -7.01 -16.39 2.81
CA LYS D 33 -7.41 -17.52 1.99
C LYS D 33 -6.75 -17.38 0.62
N ASP D 34 -6.25 -18.51 0.12
CA ASP D 34 -5.76 -18.60 -1.24
C ASP D 34 -4.60 -17.64 -1.53
N THR D 35 -3.81 -17.34 -0.52
CA THR D 35 -2.65 -16.50 -0.71
C THR D 35 -1.64 -16.94 0.32
N ASP D 36 -0.36 -16.64 0.06
CA ASP D 36 0.70 -16.86 1.02
C ASP D 36 0.83 -15.64 1.93
N GLU D 37 0.00 -14.60 1.74
CA GLU D 37 0.15 -13.39 2.54
C GLU D 37 -0.44 -13.53 3.93
N ALA D 38 0.22 -12.90 4.91
CA ALA D 38 -0.38 -12.70 6.21
C ALA D 38 -0.14 -11.29 6.72
N ASP D 39 -1.04 -10.85 7.61
CA ASP D 39 -0.94 -9.56 8.26
C ASP D 39 -1.43 -9.62 9.71
N LEU D 40 -0.94 -8.66 10.49
CA LEU D 40 -1.32 -8.51 11.89
C LEU D 40 -2.70 -7.92 11.95
N VAL D 41 -3.54 -8.53 12.81
CA VAL D 41 -4.89 -8.08 13.14
C VAL D 41 -4.98 -8.04 14.67
N LEU D 42 -5.88 -7.22 15.23
CA LEU D 42 -6.08 -7.21 16.67
C LEU D 42 -6.82 -8.50 17.01
N ALA D 43 -6.45 -9.16 18.12
CA ALA D 43 -7.16 -10.34 18.64
C ALA D 43 -8.61 -10.00 18.88
N LYS D 44 -8.86 -8.82 19.49
CA LYS D 44 -10.18 -8.38 19.87
C LYS D 44 -11.10 -8.40 18.65
N GLU D 45 -10.56 -8.06 17.49
CA GLU D 45 -11.35 -7.96 16.28
C GLU D 45 -11.51 -9.35 15.63
N ALA D 46 -10.47 -10.19 15.70
CA ALA D 46 -10.59 -11.55 15.15
C ALA D 46 -11.59 -12.37 15.98
N ASN D 47 -11.56 -12.19 17.32
CA ASN D 47 -12.51 -12.83 18.23
C ASN D 47 -13.94 -12.70 17.69
N VAL D 48 -14.27 -11.53 17.14
CA VAL D 48 -15.61 -11.22 16.70
C VAL D 48 -15.82 -11.56 15.23
N LYS D 49 -14.84 -11.30 14.36
CA LYS D 49 -15.03 -11.56 12.93
C LYS D 49 -14.82 -13.04 12.61
N CYS D 50 -13.94 -13.75 13.33
CA CYS D 50 -13.67 -15.12 12.91
C CYS D 50 -13.40 -15.99 14.14
N PRO D 51 -14.41 -16.13 15.04
CA PRO D 51 -14.18 -16.78 16.35
C PRO D 51 -13.71 -18.23 16.24
N GLN D 52 -14.20 -18.99 15.26
CA GLN D 52 -13.79 -20.38 15.08
C GLN D 52 -12.33 -20.50 14.66
N ILE D 53 -11.83 -19.53 13.87
CA ILE D 53 -10.42 -19.50 13.51
C ILE D 53 -9.57 -19.19 14.76
N VAL D 54 -10.07 -18.28 15.62
CA VAL D 54 -9.34 -17.96 16.85
C VAL D 54 -9.28 -19.20 17.75
N ILE D 55 -10.40 -19.91 17.86
CA ILE D 55 -10.52 -21.04 18.77
C ILE D 55 -9.65 -22.18 18.28
N ALA D 56 -9.72 -22.47 16.96
CA ALA D 56 -8.87 -23.48 16.37
C ALA D 56 -7.41 -23.24 16.74
N PHE D 57 -7.01 -21.96 16.77
CA PHE D 57 -5.62 -21.63 17.08
C PHE D 57 -5.33 -21.95 18.55
N TYR D 58 -6.22 -21.56 19.43
CA TYR D 58 -5.99 -21.84 20.85
C TYR D 58 -6.02 -23.34 21.11
N GLU D 59 -6.84 -24.09 20.36
CA GLU D 59 -6.96 -25.53 20.50
C GLU D 59 -5.64 -26.22 20.11
N GLU D 60 -4.98 -25.82 19.05
CA GLU D 60 -3.73 -26.47 18.67
C GLU D 60 -2.64 -26.32 19.75
N ARG D 61 -2.75 -25.34 20.65
CA ARG D 61 -1.64 -24.91 21.48
C ARG D 61 -1.86 -25.20 22.97
N LEU D 62 -2.80 -26.10 23.27
CA LEU D 62 -3.11 -26.41 24.65
C LEU D 62 -2.04 -27.35 25.21
N THR D 63 -1.48 -26.99 26.38
CA THR D 63 -0.63 -27.85 27.19
C THR D 63 -1.18 -27.91 28.62
N TRP D 64 -0.62 -28.79 29.48
CA TRP D 64 -1.15 -29.02 30.82
C TRP D 64 -0.10 -28.71 31.91
N VAL E 1 -13.36 15.35 -18.48
CA VAL E 1 -13.98 16.07 -17.32
C VAL E 1 -15.43 15.60 -17.27
N PRO E 2 -15.83 14.78 -16.26
CA PRO E 2 -17.21 14.29 -16.16
C PRO E 2 -18.22 15.36 -15.79
N ARG E 3 -19.48 15.13 -16.17
CA ARG E 3 -20.59 15.96 -15.75
C ARG E 3 -21.83 15.08 -15.87
N VAL E 4 -22.46 14.79 -14.72
CA VAL E 4 -23.63 13.93 -14.66
C VAL E 4 -24.81 14.70 -15.26
N SER E 5 -25.33 14.23 -16.41
CA SER E 5 -26.38 14.91 -17.16
C SER E 5 -27.76 14.29 -16.88
N LEU E 6 -28.68 15.05 -16.26
CA LEU E 6 -29.99 14.55 -15.90
C LEU E 6 -31.10 15.37 -16.62
N VAL F 1 12.26 -7.73 21.79
CA VAL F 1 13.08 -6.68 22.47
C VAL F 1 14.56 -7.08 22.36
N PRO F 2 15.27 -6.68 21.28
CA PRO F 2 16.66 -7.09 21.03
C PRO F 2 17.70 -6.13 21.62
N ARG F 3 18.92 -6.66 21.77
CA ARG F 3 20.07 -5.85 22.15
C ARG F 3 21.20 -6.24 21.21
N VAL F 4 22.19 -5.36 21.09
CA VAL F 4 23.37 -5.66 20.30
C VAL F 4 24.52 -5.87 21.30
N SER F 5 25.24 -6.98 21.18
CA SER F 5 26.28 -7.31 22.15
C SER F 5 27.66 -7.15 21.51
N LEU F 6 28.50 -6.25 22.08
CA LEU F 6 29.83 -5.97 21.56
C LEU F 6 30.86 -6.26 22.67
#